data_3PES
#
_entry.id   3PES
#
_cell.length_a   38.059
_cell.length_b   59.745
_cell.length_c   38.154
_cell.angle_alpha   90.00
_cell.angle_beta   103.98
_cell.angle_gamma   90.00
#
_symmetry.space_group_name_H-M   'P 1 21 1'
#
loop_
_entity.id
_entity.type
_entity.pdbx_description
1 polymer 'Uncharacterized protein gp49'
2 water water
#
_entity_poly.entity_id   1
_entity_poly.type   'polypeptide(L)'
_entity_poly.pdbx_seq_one_letter_code
;SNA(MSE)LAEFEDRVAGIPCLIVVTYWEPYVPAKVSGPPEYCYPAEGGCGEWEVRDRRGRPAPWLERKLTEAERERIDQ
AVFDR(MSE)EGR
;
_entity_poly.pdbx_strand_id   A,B
#
# COMPACT_ATOMS: atom_id res chain seq x y z
N ALA A 3 13.37 17.42 7.37
CA ALA A 3 12.54 18.36 8.16
C ALA A 3 11.11 17.89 8.41
N MSE A 4 10.18 18.67 7.91
CA MSE A 4 8.79 18.52 8.22
C MSE A 4 8.20 18.73 6.86
O MSE A 4 8.09 19.85 6.40
CB MSE A 4 8.42 19.65 9.19
CG MSE A 4 7.19 19.45 10.03
SE MSE A 4 5.55 19.37 9.01
CE MSE A 4 5.54 21.12 8.20
N LEU A 5 7.86 17.64 6.20
CA LEU A 5 7.39 17.72 4.82
C LEU A 5 5.93 18.17 4.74
N ALA A 6 5.08 17.56 5.56
CA ALA A 6 3.64 17.77 5.49
C ALA A 6 3.05 17.43 6.83
N GLU A 7 1.92 18.04 7.14
CA GLU A 7 1.18 17.73 8.35
C GLU A 7 -0.29 17.61 7.96
N PHE A 8 -0.99 16.69 8.59
CA PHE A 8 -2.43 16.61 8.42
C PHE A 8 -3.12 16.15 9.69
N GLU A 9 -4.36 16.59 9.87
CA GLU A 9 -5.15 16.17 11.01
C GLU A 9 -5.64 14.73 10.82
N ASP A 10 -5.54 13.94 11.88
CA ASP A 10 -6.06 12.59 11.87
C ASP A 10 -6.44 12.25 13.30
N ARG A 11 -6.50 10.97 13.62
CA ARG A 11 -6.85 10.50 14.96
C ARG A 11 -5.97 9.31 15.28
N VAL A 12 -5.70 9.11 16.57
CA VAL A 12 -5.10 7.88 17.05
C VAL A 12 -6.10 7.30 18.03
N ALA A 13 -6.60 6.11 17.71
CA ALA A 13 -7.66 5.48 18.48
C ALA A 13 -8.76 6.48 18.85
N GLY A 14 -9.17 7.28 17.87
CA GLY A 14 -10.28 8.22 18.04
C GLY A 14 -9.95 9.56 18.65
N ILE A 15 -8.71 9.76 19.07
CA ILE A 15 -8.28 11.01 19.69
C ILE A 15 -7.63 11.91 18.64
N PRO A 16 -8.13 13.16 18.49
CA PRO A 16 -7.58 14.06 17.47
C PRO A 16 -6.09 14.32 17.63
N CYS A 17 -5.36 14.36 16.51
CA CYS A 17 -3.95 14.65 16.54
C CYS A 17 -3.51 15.21 15.21
N LEU A 18 -2.23 15.51 15.13
CA LEU A 18 -1.59 15.87 13.89
C LEU A 18 -0.64 14.74 13.53
N ILE A 19 -0.63 14.37 12.26
CA ILE A 19 0.40 13.48 11.74
C ILE A 19 1.40 14.35 10.98
N VAL A 20 2.67 14.26 11.36
CA VAL A 20 3.71 15.01 10.67
C VAL A 20 4.57 13.99 9.91
N VAL A 21 4.74 14.24 8.62
CA VAL A 21 5.56 13.39 7.79
C VAL A 21 6.98 13.97 7.76
N THR A 22 7.95 13.17 8.20
CA THR A 22 9.34 13.65 8.35
C THR A 22 10.25 13.17 7.22
N TYR A 23 9.86 12.09 6.56
CA TYR A 23 10.60 11.58 5.40
C TYR A 23 9.59 10.93 4.46
N TRP A 24 9.72 11.18 3.16
CA TRP A 24 8.89 10.49 2.18
C TRP A 24 9.69 10.06 0.97
N GLU A 25 9.67 8.77 0.66
CA GLU A 25 10.30 8.26 -0.54
C GLU A 25 9.22 8.16 -1.61
N PRO A 26 9.28 9.00 -2.66
CA PRO A 26 8.17 8.94 -3.64
C PRO A 26 7.99 7.57 -4.26
N TYR A 27 6.73 7.19 -4.51
CA TYR A 27 6.47 5.92 -5.19
C TYR A 27 6.98 6.03 -6.63
N VAL A 28 7.72 5.03 -7.09
CA VAL A 28 8.19 4.97 -8.47
C VAL A 28 7.64 3.67 -9.04
N PRO A 29 6.81 3.77 -10.08
CA PRO A 29 6.18 2.55 -10.60
C PRO A 29 7.19 1.51 -11.10
N ALA A 30 6.81 0.25 -10.97
CA ALA A 30 7.54 -0.84 -11.59
C ALA A 30 7.50 -0.74 -13.10
N LYS A 31 8.52 -1.27 -13.77
CA LYS A 31 8.45 -1.50 -15.21
C LYS A 31 8.04 -2.95 -15.41
N VAL A 32 6.89 -3.12 -16.06
CA VAL A 32 6.22 -4.42 -16.18
CA VAL A 32 6.30 -4.45 -16.18
C VAL A 32 6.03 -4.84 -17.64
N SER A 33 5.87 -3.85 -18.51
CA SER A 33 5.69 -4.14 -19.93
C SER A 33 7.03 -4.47 -20.61
N GLY A 34 6.97 -5.36 -21.60
CA GLY A 34 8.15 -5.69 -22.39
C GLY A 34 8.94 -6.86 -21.81
N PRO A 35 10.10 -7.15 -22.40
CA PRO A 35 10.87 -8.34 -22.01
C PRO A 35 11.33 -8.28 -20.56
N PRO A 36 11.41 -9.43 -19.88
CA PRO A 36 11.81 -9.44 -18.46
C PRO A 36 13.18 -8.80 -18.18
N GLU A 37 14.08 -8.87 -19.15
CA GLU A 37 15.43 -8.31 -19.02
C GLU A 37 15.43 -6.81 -18.75
N TYR A 38 14.37 -6.12 -19.17
CA TYR A 38 14.23 -4.67 -18.97
C TYR A 38 13.31 -4.31 -17.82
N CYS A 39 12.67 -5.30 -17.22
CA CYS A 39 11.72 -5.03 -16.13
C CYS A 39 12.45 -4.73 -14.82
N TYR A 40 11.78 -4.03 -13.90
CA TYR A 40 12.35 -3.74 -12.58
C TYR A 40 11.23 -3.43 -11.60
N PRO A 41 11.48 -3.66 -10.30
CA PRO A 41 10.42 -3.45 -9.31
C PRO A 41 10.10 -1.99 -9.04
N ALA A 42 8.95 -1.78 -8.41
CA ALA A 42 8.60 -0.47 -7.90
C ALA A 42 9.57 -0.08 -6.78
N GLU A 43 9.67 1.22 -6.54
CA GLU A 43 10.47 1.76 -5.46
C GLU A 43 9.66 2.73 -4.63
N GLY A 44 10.06 2.91 -3.37
CA GLY A 44 9.47 3.96 -2.57
C GLY A 44 8.02 3.72 -2.20
N GLY A 45 7.29 4.81 -1.99
CA GLY A 45 5.91 4.76 -1.51
C GLY A 45 5.89 4.43 -0.02
N CYS A 46 6.85 4.97 0.72
CA CYS A 46 6.93 4.76 2.15
C CYS A 46 7.81 5.85 2.74
N GLY A 47 7.87 5.92 4.07
CA GLY A 47 8.62 6.98 4.70
C GLY A 47 8.45 6.94 6.20
N GLU A 48 8.51 8.11 6.82
CA GLU A 48 8.49 8.19 8.28
C GLU A 48 7.54 9.29 8.69
N TRP A 49 6.75 9.00 9.72
CA TRP A 49 5.79 9.97 10.23
C TRP A 49 5.75 9.86 11.76
N GLU A 50 5.22 10.91 12.39
CA GLU A 50 5.09 10.95 13.85
C GLU A 50 3.75 11.51 14.26
N VAL A 51 3.27 11.07 15.41
CA VAL A 51 2.09 11.68 16.01
C VAL A 51 2.51 12.93 16.79
N ARG A 52 1.78 14.02 16.61
CA ARG A 52 2.04 15.28 17.31
C ARG A 52 0.72 15.84 17.83
N ASP A 53 0.79 16.77 18.77
CA ASP A 53 -0.41 17.55 19.11
C ASP A 53 -0.67 18.59 18.03
N ARG A 54 -1.76 19.34 18.19
CA ARG A 54 -2.16 20.28 17.15
C ARG A 54 -1.18 21.44 16.95
N ARG A 55 -0.27 21.63 17.89
CA ARG A 55 0.79 22.64 17.73
C ARG A 55 2.08 22.06 17.16
N GLY A 56 2.03 20.78 16.80
CA GLY A 56 3.22 20.12 16.24
C GLY A 56 4.21 19.63 17.30
N ARG A 57 3.82 19.70 18.57
CA ARG A 57 4.69 19.27 19.68
C ARG A 57 4.63 17.75 19.83
N PRO A 58 5.69 17.15 20.40
CA PRO A 58 5.65 15.69 20.66
C PRO A 58 4.44 15.27 21.47
N ALA A 59 3.91 14.08 21.15
CA ALA A 59 2.73 13.55 21.84
C ALA A 59 3.00 12.11 22.26
N PRO A 60 3.95 11.92 23.19
CA PRO A 60 4.28 10.52 23.60
C PRO A 60 3.08 9.74 24.16
N TRP A 61 2.15 10.47 24.78
CA TRP A 61 0.96 9.82 25.34
CA TRP A 61 0.90 9.92 25.32
C TRP A 61 0.05 9.27 24.23
N LEU A 62 0.08 9.87 23.05
CA LEU A 62 -0.65 9.32 21.91
C LEU A 62 0.15 8.24 21.23
N GLU A 63 1.45 8.44 21.12
CA GLU A 63 2.32 7.43 20.53
C GLU A 63 2.11 6.08 21.24
N ARG A 64 2.00 6.10 22.57
CA ARG A 64 1.75 4.87 23.34
C ARG A 64 0.39 4.20 23.04
N LYS A 65 -0.54 4.97 22.51
CA LYS A 65 -1.86 4.46 22.17
C LYS A 65 -1.93 3.89 20.77
N LEU A 66 -0.88 4.06 19.98
CA LEU A 66 -0.85 3.44 18.68
C LEU A 66 -0.89 1.93 18.82
N THR A 67 -1.75 1.32 18.03
CA THR A 67 -1.69 -0.13 17.85
C THR A 67 -1.12 -0.41 16.48
N GLU A 68 -0.72 -1.64 16.22
CA GLU A 68 -0.26 -1.97 14.87
C GLU A 68 -1.34 -1.71 13.83
N ALA A 69 -2.60 -1.94 14.19
CA ALA A 69 -3.69 -1.65 13.25
C ALA A 69 -3.74 -0.17 12.88
N GLU A 70 -3.60 0.68 13.90
CA GLU A 70 -3.58 2.12 13.68
C GLU A 70 -2.37 2.56 12.86
N ARG A 71 -1.21 1.97 13.14
CA ARG A 71 -0.01 2.31 12.38
C ARG A 71 -0.21 1.98 10.90
N GLU A 72 -0.84 0.84 10.63
CA GLU A 72 -1.07 0.43 9.25
C GLU A 72 -2.04 1.38 8.54
N ARG A 73 -3.11 1.77 9.23
CA ARG A 73 -4.09 2.70 8.69
C ARG A 73 -3.45 4.07 8.43
N ILE A 74 -2.67 4.56 9.38
CA ILE A 74 -2.02 5.86 9.19
C ILE A 74 -0.93 5.79 8.11
N ASP A 75 -0.22 4.67 8.01
CA ASP A 75 0.73 4.49 6.90
C ASP A 75 0.02 4.79 5.57
N GLN A 76 -1.19 4.24 5.41
CA GLN A 76 -1.91 4.47 4.17
C GLN A 76 -2.41 5.90 4.02
N ALA A 77 -2.82 6.52 5.11
CA ALA A 77 -3.18 7.94 5.12
C ALA A 77 -2.01 8.81 4.69
N VAL A 78 -0.81 8.48 5.16
CA VAL A 78 0.39 9.20 4.75
C VAL A 78 0.68 8.99 3.26
N PHE A 79 0.59 7.75 2.80
CA PHE A 79 0.75 7.50 1.36
C PHE A 79 -0.23 8.35 0.53
N ASP A 80 -1.50 8.36 0.93
CA ASP A 80 -2.50 9.06 0.15
C ASP A 80 -2.22 10.57 0.17
N ARG A 81 -1.79 11.10 1.31
CA ARG A 81 -1.44 12.52 1.41
C ARG A 81 -0.24 12.85 0.52
N MSE A 82 0.79 12.00 0.57
CA MSE A 82 2.04 12.33 -0.12
C MSE A 82 2.02 12.03 -1.60
O MSE A 82 2.81 12.60 -2.35
CB MSE A 82 3.23 11.64 0.55
CG MSE A 82 3.44 11.99 2.04
SE MSE A 82 3.49 13.87 2.43
CE MSE A 82 5.08 14.36 1.43
N GLU A 83 1.12 11.15 -2.00
CA GLU A 83 0.98 10.80 -3.41
C GLU A 83 -0.19 11.50 -4.09
N GLY A 84 -0.77 12.48 -3.40
CA GLY A 84 -1.96 13.18 -3.90
C GLY A 84 -1.62 14.33 -4.83
N ARG A 85 -2.63 15.11 -5.19
CA ARG A 85 -2.47 16.24 -6.09
C ARG A 85 -3.06 17.54 -5.53
N MSE B 4 -9.82 -12.33 -15.69
CA MSE B 4 -8.34 -12.57 -15.74
C MSE B 4 -7.61 -11.36 -16.32
O MSE B 4 -7.39 -11.26 -17.53
CB MSE B 4 -8.04 -13.82 -16.57
CG MSE B 4 -6.87 -14.67 -16.09
SE MSE B 4 -5.15 -13.77 -16.01
CE MSE B 4 -4.66 -13.74 -17.90
N LEU B 5 -7.20 -10.43 -15.46
CA LEU B 5 -6.58 -9.20 -15.91
C LEU B 5 -5.08 -9.35 -16.20
N ALA B 6 -4.38 -10.00 -15.28
CA ALA B 6 -2.94 -10.13 -15.35
C ALA B 6 -2.55 -11.35 -14.54
N GLU B 7 -1.40 -11.92 -14.90
CA GLU B 7 -0.82 -12.99 -14.12
C GLU B 7 0.67 -12.74 -14.00
N PHE B 8 1.23 -13.13 -12.87
CA PHE B 8 2.67 -13.07 -12.69
C PHE B 8 3.15 -14.16 -11.79
N GLU B 9 4.39 -14.56 -11.99
CA GLU B 9 5.02 -15.56 -11.17
C GLU B 9 5.41 -14.97 -9.81
N ASP B 10 5.07 -15.71 -8.76
CA ASP B 10 5.48 -15.36 -7.41
C ASP B 10 5.69 -16.65 -6.62
N ARG B 11 5.62 -16.54 -5.31
CA ARG B 11 5.73 -17.69 -4.42
C ARG B 11 4.73 -17.56 -3.30
N VAL B 12 4.31 -18.70 -2.75
CA VAL B 12 3.56 -18.73 -1.49
C VAL B 12 4.37 -19.57 -0.53
N ALA B 13 4.83 -18.93 0.53
CA ALA B 13 5.74 -19.54 1.50
C ALA B 13 6.88 -20.29 0.80
N GLY B 14 7.43 -19.68 -0.23
CA GLY B 14 8.62 -20.23 -0.90
C GLY B 14 8.31 -21.17 -2.06
N ILE B 15 7.06 -21.51 -2.27
CA ILE B 15 6.67 -22.45 -3.31
C ILE B 15 6.22 -21.69 -4.55
N PRO B 16 6.83 -21.95 -5.72
CA PRO B 16 6.48 -21.23 -6.96
C PRO B 16 5.00 -21.34 -7.31
N CYS B 17 4.43 -20.23 -7.76
CA CYS B 17 3.04 -20.22 -8.19
C CYS B 17 2.80 -19.10 -9.18
N LEU B 18 1.56 -19.04 -9.66
CA LEU B 18 1.09 -17.92 -10.45
CA LEU B 18 1.09 -17.92 -10.45
C LEU B 18 0.09 -17.15 -9.60
N ILE B 19 0.21 -15.83 -9.61
CA ILE B 19 -0.83 -14.98 -9.01
C ILE B 19 -1.63 -14.45 -10.18
N VAL B 20 -2.94 -14.64 -10.15
CA VAL B 20 -3.84 -14.15 -11.19
C VAL B 20 -4.70 -13.06 -10.58
N VAL B 21 -4.70 -11.90 -11.22
CA VAL B 21 -5.46 -10.78 -10.75
C VAL B 21 -6.81 -10.80 -11.46
N THR B 22 -7.88 -10.89 -10.68
CA THR B 22 -9.22 -11.04 -11.27
C THR B 22 -10.06 -9.75 -11.25
N TYR B 23 -9.67 -8.80 -10.41
CA TYR B 23 -10.33 -7.49 -10.35
C TYR B 23 -9.28 -6.48 -9.87
N TRP B 24 -9.24 -5.31 -10.51
CA TRP B 24 -8.36 -4.24 -10.04
C TRP B 24 -9.06 -2.90 -10.13
N GLU B 25 -9.11 -2.20 -9.01
CA GLU B 25 -9.63 -0.85 -8.98
C GLU B 25 -8.45 0.09 -9.06
N PRO B 26 -8.29 0.81 -10.20
CA PRO B 26 -7.10 1.66 -10.30
C PRO B 26 -6.97 2.68 -9.17
N TYR B 27 -5.74 2.92 -8.70
CA TYR B 27 -5.51 3.98 -7.73
C TYR B 27 -5.81 5.35 -8.31
N VAL B 28 -6.62 6.12 -7.60
CA VAL B 28 -6.93 7.50 -7.99
C VAL B 28 -6.44 8.40 -6.87
N PRO B 29 -5.49 9.31 -7.18
CA PRO B 29 -4.89 10.09 -6.09
C PRO B 29 -5.91 10.99 -5.39
N ALA B 30 -5.67 11.23 -4.11
CA ALA B 30 -6.42 12.24 -3.36
C ALA B 30 -6.16 13.63 -3.92
N LYS B 31 -7.14 14.52 -3.75
CA LYS B 31 -6.93 15.94 -3.92
C LYS B 31 -6.64 16.53 -2.56
N VAL B 32 -5.45 17.10 -2.45
CA VAL B 32 -4.91 17.57 -1.17
C VAL B 32 -4.54 19.06 -1.22
N SER B 33 -4.22 19.57 -2.40
CA SER B 33 -3.90 20.99 -2.55
C SER B 33 -5.16 21.85 -2.61
N GLY B 34 -5.06 23.08 -2.11
CA GLY B 34 -6.18 24.03 -2.16
C GLY B 34 -7.11 23.89 -0.96
N PRO B 35 -8.23 24.66 -0.98
CA PRO B 35 -9.14 24.70 0.17
C PRO B 35 -9.74 23.33 0.49
N PRO B 36 -10.02 23.07 1.78
CA PRO B 36 -10.56 21.76 2.17
C PRO B 36 -11.89 21.41 1.52
N GLU B 37 -12.68 22.43 1.15
CA GLU B 37 -13.98 22.25 0.52
C GLU B 37 -13.90 21.52 -0.82
N TYR B 38 -12.73 21.57 -1.45
CA TYR B 38 -12.52 20.93 -2.74
C TYR B 38 -11.70 19.66 -2.64
N CYS B 39 -11.19 19.37 -1.44
CA CYS B 39 -10.40 18.17 -1.26
C CYS B 39 -11.25 16.90 -1.23
N TYR B 40 -10.63 15.76 -1.51
CA TYR B 40 -11.31 14.47 -1.48
C TYR B 40 -10.28 13.36 -1.37
N PRO B 41 -10.69 12.22 -0.77
CA PRO B 41 -9.72 11.15 -0.53
C PRO B 41 -9.34 10.38 -1.79
N ALA B 42 -8.26 9.64 -1.68
CA ALA B 42 -7.85 8.67 -2.69
C ALA B 42 -8.91 7.59 -2.85
N GLU B 43 -8.93 6.99 -4.03
CA GLU B 43 -9.80 5.83 -4.30
C GLU B 43 -9.02 4.69 -4.88
N GLY B 44 -9.54 3.49 -4.71
CA GLY B 44 -8.96 2.34 -5.38
C GLY B 44 -7.59 1.94 -4.88
N GLY B 45 -6.79 1.34 -5.76
CA GLY B 45 -5.50 0.79 -5.39
C GLY B 45 -5.65 -0.51 -4.66
N CYS B 46 -6.65 -1.31 -5.05
CA CYS B 46 -6.91 -2.59 -4.42
C CYS B 46 -7.74 -3.42 -5.38
N GLY B 47 -7.94 -4.70 -5.06
CA GLY B 47 -8.66 -5.60 -5.97
C GLY B 47 -8.68 -7.00 -5.43
N GLU B 48 -8.72 -7.98 -6.34
CA GLU B 48 -8.87 -9.38 -5.97
C GLU B 48 -7.88 -10.17 -6.79
N TRP B 49 -7.24 -11.13 -6.12
CA TRP B 49 -6.28 -11.99 -6.78
C TRP B 49 -6.41 -13.40 -6.23
N GLU B 50 -5.87 -14.37 -6.98
CA GLU B 50 -5.92 -15.77 -6.56
C GLU B 50 -4.59 -16.43 -6.82
N VAL B 51 -4.27 -17.41 -5.98
CA VAL B 51 -3.11 -18.27 -6.24
CA VAL B 51 -3.11 -18.25 -6.26
C VAL B 51 -3.51 -19.39 -7.21
N ARG B 52 -2.71 -19.60 -8.24
CA ARG B 52 -2.94 -20.66 -9.24
C ARG B 52 -1.63 -21.43 -9.45
N ASP B 53 -1.74 -22.62 -10.05
CA ASP B 53 -0.53 -23.29 -10.55
C ASP B 53 -0.04 -22.62 -11.84
N ARG B 54 1.08 -23.09 -12.38
CA ARG B 54 1.68 -22.44 -13.53
C ARG B 54 0.82 -22.52 -14.80
N ARG B 55 -0.16 -23.42 -14.80
CA ARG B 55 -1.14 -23.51 -15.90
C ARG B 55 -2.37 -22.64 -15.70
N GLY B 56 -2.41 -21.92 -14.58
CA GLY B 56 -3.57 -21.09 -14.27
C GLY B 56 -4.71 -21.85 -13.59
N ARG B 57 -4.47 -23.12 -13.24
CA ARG B 57 -5.50 -23.93 -12.59
C ARG B 57 -5.58 -23.62 -11.10
N PRO B 58 -6.72 -23.91 -10.47
CA PRO B 58 -6.85 -23.67 -9.02
C PRO B 58 -5.77 -24.40 -8.25
N ALA B 59 -5.32 -23.78 -7.15
CA ALA B 59 -4.30 -24.38 -6.30
C ALA B 59 -4.73 -24.30 -4.84
N PRO B 60 -5.79 -25.04 -4.45
CA PRO B 60 -6.27 -24.99 -3.07
C PRO B 60 -5.20 -25.37 -2.05
N TRP B 61 -4.30 -26.27 -2.45
CA TRP B 61 -3.17 -26.71 -1.62
CA TRP B 61 -3.24 -26.70 -1.54
C TRP B 61 -2.26 -25.55 -1.22
N LEU B 62 -2.10 -24.61 -2.14
CA LEU B 62 -1.30 -23.43 -1.89
C LEU B 62 -2.10 -22.36 -1.18
N GLU B 63 -3.37 -22.22 -1.54
CA GLU B 63 -4.23 -21.27 -0.85
C GLU B 63 -4.19 -21.55 0.65
N ARG B 64 -4.22 -22.82 1.05
CA ARG B 64 -4.17 -23.17 2.48
C ARG B 64 -2.86 -22.78 3.16
N LYS B 65 -1.82 -22.59 2.38
CA LYS B 65 -0.52 -22.21 2.91
C LYS B 65 -0.31 -20.72 3.02
N LEU B 66 -1.26 -19.95 2.51
CA LEU B 66 -1.18 -18.51 2.71
C LEU B 66 -1.30 -18.17 4.18
N THR B 67 -0.43 -17.29 4.63
CA THR B 67 -0.56 -16.69 5.95
C THR B 67 -1.00 -15.27 5.71
N GLU B 68 -1.47 -14.59 6.75
CA GLU B 68 -1.79 -13.18 6.63
C GLU B 68 -0.58 -12.36 6.17
N ALA B 69 0.60 -12.75 6.63
CA ALA B 69 1.81 -12.04 6.20
C ALA B 69 2.01 -12.16 4.70
N GLU B 70 1.83 -13.37 4.17
CA GLU B 70 1.98 -13.57 2.74
C GLU B 70 0.90 -12.86 1.95
N ARG B 71 -0.33 -12.84 2.45
CA ARG B 71 -1.41 -12.13 1.76
C ARG B 71 -1.07 -10.65 1.67
N GLU B 72 -0.54 -10.08 2.76
CA GLU B 72 -0.18 -8.67 2.73
C GLU B 72 0.96 -8.38 1.73
N ARG B 73 1.97 -9.26 1.72
CA ARG B 73 3.05 -9.13 0.77
C ARG B 73 2.57 -9.23 -0.68
N ILE B 74 1.75 -10.23 -0.95
CA ILE B 74 1.23 -10.40 -2.30
C ILE B 74 0.27 -9.25 -2.70
N ASP B 75 -0.50 -8.74 -1.75
CA ASP B 75 -1.31 -7.54 -2.02
C ASP B 75 -0.43 -6.43 -2.62
N GLN B 76 0.75 -6.21 -2.03
CA GLN B 76 1.62 -5.16 -2.54
C GLN B 76 2.22 -5.52 -3.88
N ALA B 77 2.51 -6.80 -4.09
CA ALA B 77 3.03 -7.27 -5.38
C ALA B 77 1.99 -7.02 -6.47
N VAL B 78 0.71 -7.25 -6.15
CA VAL B 78 -0.37 -7.00 -7.08
C VAL B 78 -0.50 -5.50 -7.36
N PHE B 79 -0.46 -4.67 -6.33
CA PHE B 79 -0.48 -3.23 -6.52
C PHE B 79 0.64 -2.82 -7.47
N ASP B 80 1.85 -3.30 -7.21
CA ASP B 80 2.99 -2.87 -8.00
C ASP B 80 2.85 -3.33 -9.45
N ARG B 81 2.34 -4.55 -9.64
CA ARG B 81 2.10 -5.03 -11.01
C ARG B 81 1.04 -4.19 -11.74
N MSE B 82 -0.05 -3.87 -11.06
CA MSE B 82 -1.19 -3.24 -11.72
C MSE B 82 -1.01 -1.74 -11.88
O MSE B 82 -1.67 -1.13 -12.73
CB MSE B 82 -2.49 -3.56 -10.99
CG MSE B 82 -2.81 -5.06 -10.87
SE MSE B 82 -2.78 -6.01 -12.58
CE MSE B 82 -4.12 -5.00 -13.50
N GLU B 83 -0.14 -1.15 -11.07
CA GLU B 83 0.13 0.27 -11.10
C GLU B 83 1.43 0.59 -11.85
N GLY B 84 2.00 -0.42 -12.50
CA GLY B 84 3.28 -0.26 -13.18
C GLY B 84 3.14 0.29 -14.57
N ARG B 85 4.25 0.29 -15.31
CA ARG B 85 4.29 0.80 -16.68
C ARG B 85 4.86 -0.25 -17.63
#